data_8ID2
#
_entry.id   8ID2
#
_cell.length_a   54.455
_cell.length_b   60.214
_cell.length_c   103.713
_cell.angle_alpha   90.000
_cell.angle_beta   90.000
_cell.angle_gamma   90.000
#
_symmetry.space_group_name_H-M   'P 21 21 21'
#
loop_
_entity.id
_entity.type
_entity.pdbx_description
1 polymer 'Splicing factor 3A subunit 1'
2 polymer "RNA (5'-R(*GP*GP*GP*GP*AP*CP*UP*GP*CP*GP*UP*UP*CP*GP*CP*GP*CP*UP*UP*UP*CP*CP*CP*C)-3')"
3 water water
#
loop_
_entity_poly.entity_id
_entity_poly.type
_entity_poly.pdbx_seq_one_letter_code
_entity_poly.pdbx_strand_id
1 'polypeptide(L)'
;MGSSHHHHHHSSGLVPRGSHENLYFQGPVSIKVQVPNMQDKTEWKLNGQVLVFTLPLTDQVSVIKVKIHEATGMPAGKQK
LQYEGIFIKDSNSLAYYNMANGAVIHLALKERGGRKK
;
A,B
2 'polyribonucleotide' GGGGACUGCGUUCGCGCUUUCCCC C,D
#
loop_
_chem_comp.id
_chem_comp.type
_chem_comp.name
_chem_comp.formula
A RNA linking ADENOSINE-5'-MONOPHOSPHATE 'C10 H14 N5 O7 P'
C RNA linking CYTIDINE-5'-MONOPHOSPHATE 'C9 H14 N3 O8 P'
G RNA linking GUANOSINE-5'-MONOPHOSPHATE 'C10 H14 N5 O8 P'
U RNA linking URIDINE-5'-MONOPHOSPHATE 'C9 H13 N2 O9 P'
#
# COMPACT_ATOMS: atom_id res chain seq x y z
N LEU A 23 40.04 -47.12 -31.68
CA LEU A 23 39.86 -45.94 -32.53
C LEU A 23 38.46 -45.32 -32.35
N TYR A 24 37.89 -45.43 -31.15
CA TYR A 24 36.47 -45.16 -30.97
C TYR A 24 36.20 -43.66 -30.89
N PHE A 25 35.11 -43.23 -31.51
CA PHE A 25 34.70 -41.83 -31.56
C PHE A 25 33.29 -41.73 -31.02
N GLN A 26 33.10 -40.91 -30.01
CA GLN A 26 31.81 -40.81 -29.34
C GLN A 26 30.87 -39.99 -30.22
N GLY A 27 29.81 -40.64 -30.73
CA GLY A 27 28.86 -39.96 -31.56
C GLY A 27 27.91 -39.12 -30.74
N PRO A 28 27.01 -38.45 -31.44
CA PRO A 28 25.96 -37.70 -30.76
C PRO A 28 24.92 -38.64 -30.16
N VAL A 29 24.19 -38.13 -29.18
CA VAL A 29 23.11 -38.90 -28.56
C VAL A 29 21.78 -38.41 -29.09
N SER A 30 20.86 -39.32 -29.24
CA SER A 30 19.52 -39.01 -29.69
C SER A 30 18.62 -38.88 -28.45
N ILE A 31 18.06 -37.72 -28.26
CA ILE A 31 17.25 -37.52 -27.07
C ILE A 31 15.82 -37.19 -27.49
N LYS A 32 14.86 -37.47 -26.61
CA LYS A 32 13.45 -37.24 -26.85
C LYS A 32 12.97 -36.18 -25.86
N VAL A 33 12.14 -35.25 -26.32
CA VAL A 33 11.59 -34.21 -25.45
C VAL A 33 10.08 -34.42 -25.44
N GLN A 34 9.53 -34.75 -24.27
CA GLN A 34 8.09 -34.86 -24.12
C GLN A 34 7.54 -33.45 -23.93
N VAL A 35 6.87 -32.95 -24.96
CA VAL A 35 6.26 -31.61 -24.93
C VAL A 35 4.93 -31.70 -24.21
N PRO A 36 4.55 -30.74 -23.36
CA PRO A 36 3.23 -30.82 -22.73
C PRO A 36 2.11 -30.54 -23.74
N ASN A 37 0.88 -30.92 -23.40
CA ASN A 37 -0.29 -30.53 -24.20
C ASN A 37 -0.93 -29.35 -23.47
N MET A 38 -0.67 -28.12 -23.98
CA MET A 38 -1.22 -26.86 -23.42
C MET A 38 -1.74 -26.04 -24.59
N GLN A 39 -2.97 -26.34 -25.00
CA GLN A 39 -3.59 -25.67 -26.13
C GLN A 39 -3.87 -24.19 -25.89
N ASP A 40 -3.94 -23.76 -24.63
CA ASP A 40 -4.19 -22.36 -24.33
C ASP A 40 -3.02 -21.44 -24.69
N LYS A 41 -1.82 -22.00 -24.85
CA LYS A 41 -0.65 -21.24 -25.29
C LYS A 41 -0.64 -21.20 -26.82
N THR A 42 -1.50 -20.33 -27.38
CA THR A 42 -1.71 -20.26 -28.81
C THR A 42 -0.51 -19.70 -29.57
N GLU A 43 0.47 -19.14 -28.88
CA GLU A 43 1.65 -18.63 -29.56
C GLU A 43 2.71 -19.71 -29.72
N TRP A 44 2.56 -20.84 -29.01
CA TRP A 44 3.52 -21.93 -29.02
C TRP A 44 2.85 -23.22 -29.49
N LYS A 45 3.66 -24.21 -29.81
CA LYS A 45 3.15 -25.49 -30.31
C LYS A 45 3.31 -26.54 -29.22
N LEU A 46 2.51 -26.41 -28.16
CA LEU A 46 2.54 -27.39 -27.06
C LEU A 46 1.35 -28.33 -27.24
N ASN A 47 1.55 -29.33 -28.10
CA ASN A 47 0.50 -30.25 -28.52
C ASN A 47 0.70 -31.68 -27.98
N GLY A 48 1.49 -31.83 -26.91
CA GLY A 48 1.74 -33.16 -26.39
C GLY A 48 2.61 -34.02 -27.29
N GLN A 49 3.37 -33.43 -28.20
CA GLN A 49 4.18 -34.23 -29.09
C GLN A 49 5.51 -34.61 -28.45
N VAL A 50 6.17 -35.57 -29.08
CA VAL A 50 7.51 -35.99 -28.70
C VAL A 50 8.46 -35.54 -29.80
N LEU A 51 9.43 -34.72 -29.43
CA LEU A 51 10.50 -34.26 -30.30
C LEU A 51 11.69 -35.19 -30.18
N VAL A 52 12.45 -35.32 -31.27
CA VAL A 52 13.72 -36.07 -31.25
C VAL A 52 14.82 -35.19 -31.82
N PHE A 53 15.85 -34.93 -31.02
CA PHE A 53 17.04 -34.20 -31.46
C PHE A 53 18.26 -35.07 -31.28
N THR A 54 19.22 -34.93 -32.18
CA THR A 54 20.50 -35.58 -32.06
C THR A 54 21.56 -34.52 -31.81
N LEU A 55 22.25 -34.61 -30.68
CA LEU A 55 23.19 -33.60 -30.21
C LEU A 55 24.47 -34.23 -29.70
N PRO A 56 25.61 -33.53 -29.84
CA PRO A 56 26.86 -34.02 -29.20
C PRO A 56 26.74 -34.02 -27.69
N LEU A 57 27.38 -35.01 -27.05
CA LEU A 57 27.30 -35.12 -25.59
C LEU A 57 27.95 -33.96 -24.87
N THR A 58 28.83 -33.25 -25.55
CA THR A 58 29.54 -32.08 -25.05
C THR A 58 28.70 -30.82 -25.08
N ASP A 59 27.54 -30.87 -25.72
CA ASP A 59 26.68 -29.69 -25.77
C ASP A 59 26.16 -29.39 -24.37
N GLN A 60 25.98 -28.10 -24.11
CA GLN A 60 25.34 -27.70 -22.86
C GLN A 60 23.84 -27.95 -22.94
N VAL A 61 23.23 -28.22 -21.79
CA VAL A 61 21.80 -28.47 -21.70
C VAL A 61 21.01 -27.29 -22.31
N SER A 62 21.59 -26.10 -22.28
CA SER A 62 20.94 -24.92 -22.88
C SER A 62 20.65 -25.12 -24.36
N VAL A 63 21.44 -25.99 -25.03
CA VAL A 63 21.21 -26.28 -26.44
C VAL A 63 19.88 -26.98 -26.65
N ILE A 64 19.50 -27.82 -25.69
CA ILE A 64 18.19 -28.44 -25.77
C ILE A 64 17.08 -27.39 -25.80
N LYS A 65 17.19 -26.36 -24.93
CA LYS A 65 16.16 -25.32 -24.91
C LYS A 65 16.12 -24.56 -26.23
N VAL A 66 17.27 -24.39 -26.87
CA VAL A 66 17.29 -23.74 -28.17
C VAL A 66 16.52 -24.59 -29.18
N LYS A 67 16.82 -25.89 -29.24
CA LYS A 67 16.09 -26.76 -30.17
C LYS A 67 14.59 -26.74 -29.86
N ILE A 68 14.24 -26.68 -28.57
CA ILE A 68 12.83 -26.66 -28.20
C ILE A 68 12.19 -25.35 -28.66
N HIS A 69 12.88 -24.22 -28.47
CA HIS A 69 12.36 -22.93 -28.93
C HIS A 69 12.15 -22.94 -30.44
N GLU A 70 13.11 -23.52 -31.18
CA GLU A 70 12.97 -23.61 -32.64
C GLU A 70 11.80 -24.48 -33.05
N ALA A 71 11.52 -25.55 -32.30
CA ALA A 71 10.46 -26.47 -32.69
C ALA A 71 9.07 -26.03 -32.23
N THR A 72 8.98 -25.33 -31.09
CA THR A 72 7.70 -25.00 -30.48
C THR A 72 7.40 -23.51 -30.35
N GLY A 73 8.37 -22.63 -30.60
CA GLY A 73 8.17 -21.21 -30.35
C GLY A 73 8.35 -20.78 -28.91
N MET A 74 8.52 -21.73 -27.98
CA MET A 74 8.62 -21.45 -26.55
C MET A 74 10.01 -20.95 -26.18
N PRO A 75 10.17 -19.72 -25.70
CA PRO A 75 11.51 -19.20 -25.41
C PRO A 75 12.20 -19.97 -24.30
N ALA A 76 13.54 -19.94 -24.34
CA ALA A 76 14.32 -20.80 -23.46
C ALA A 76 14.06 -20.46 -22.01
N GLY A 77 13.82 -19.16 -21.72
CA GLY A 77 13.58 -18.70 -20.36
C GLY A 77 12.27 -19.18 -19.77
N LYS A 78 11.34 -19.64 -20.59
CA LYS A 78 10.07 -20.14 -20.08
C LYS A 78 10.06 -21.66 -19.87
N GLN A 79 11.12 -22.36 -20.29
CA GLN A 79 11.15 -23.82 -20.24
C GLN A 79 11.73 -24.35 -18.95
N LYS A 80 11.09 -25.36 -18.39
CA LYS A 80 11.67 -26.12 -17.28
C LYS A 80 11.92 -27.54 -17.73
N LEU A 81 13.18 -28.00 -17.65
CA LEU A 81 13.54 -29.35 -18.12
C LEU A 81 13.81 -30.27 -16.94
N GLN A 82 13.33 -31.51 -17.06
CA GLN A 82 13.61 -32.49 -16.03
C GLN A 82 13.96 -33.78 -16.75
N TYR A 83 15.01 -34.45 -16.28
CA TYR A 83 15.48 -35.69 -16.92
C TYR A 83 15.67 -36.74 -15.83
N GLU A 84 14.85 -37.78 -15.84
CA GLU A 84 14.92 -38.82 -14.81
C GLU A 84 14.89 -38.20 -13.40
N GLY A 85 13.99 -37.23 -13.21
CA GLY A 85 13.81 -36.60 -11.92
C GLY A 85 14.81 -35.51 -11.60
N ILE A 86 15.80 -35.30 -12.45
CA ILE A 86 16.85 -34.34 -12.20
C ILE A 86 16.47 -33.02 -12.87
N PHE A 87 16.51 -31.94 -12.11
CA PHE A 87 16.33 -30.62 -12.70
C PHE A 87 17.65 -30.20 -13.31
N ILE A 88 17.85 -30.59 -14.58
CA ILE A 88 19.16 -30.39 -15.21
C ILE A 88 19.41 -28.90 -15.40
N LYS A 89 20.67 -28.52 -15.32
CA LYS A 89 21.05 -27.11 -15.38
C LYS A 89 21.63 -26.76 -16.75
N ASP A 90 21.32 -25.55 -17.23
CA ASP A 90 21.68 -25.16 -18.60
C ASP A 90 23.17 -25.20 -18.87
N SER A 91 23.99 -24.81 -17.88
CA SER A 91 25.43 -24.70 -18.08
C SER A 91 26.13 -26.06 -18.05
N ASN A 92 25.46 -27.13 -17.67
CA ASN A 92 26.12 -28.43 -17.62
C ASN A 92 25.96 -29.17 -18.94
N SER A 93 26.88 -30.10 -19.22
CA SER A 93 26.74 -30.78 -20.51
C SER A 93 25.81 -32.00 -20.42
N LEU A 94 25.37 -32.47 -21.59
CA LEU A 94 24.63 -33.73 -21.63
C LEU A 94 25.46 -34.86 -21.03
N ALA A 95 26.77 -34.85 -21.26
CA ALA A 95 27.62 -35.90 -20.72
C ALA A 95 27.63 -35.88 -19.20
N TYR A 96 27.62 -34.68 -18.61
CA TYR A 96 27.58 -34.54 -17.15
C TYR A 96 26.42 -35.31 -16.55
N TYR A 97 25.29 -35.37 -17.26
CA TYR A 97 24.12 -36.09 -16.78
C TYR A 97 24.09 -37.51 -17.30
N ASN A 98 25.14 -37.93 -18.00
CA ASN A 98 25.30 -39.30 -18.48
C ASN A 98 24.14 -39.72 -19.39
N MET A 99 23.65 -38.78 -20.19
CA MET A 99 22.54 -39.08 -21.09
C MET A 99 22.98 -40.07 -22.17
N ALA A 100 22.08 -40.97 -22.50
CA ALA A 100 22.35 -41.94 -23.56
C ALA A 100 21.26 -41.84 -24.60
N ASN A 101 21.42 -42.65 -25.65
CA ASN A 101 20.39 -42.69 -26.69
C ASN A 101 19.03 -43.01 -26.08
N GLY A 102 18.03 -42.26 -26.48
CA GLY A 102 16.70 -42.41 -25.96
C GLY A 102 16.41 -41.65 -24.68
N ALA A 103 17.33 -40.82 -24.19
CA ALA A 103 17.07 -40.04 -22.98
C ALA A 103 15.82 -39.20 -23.16
N VAL A 104 14.95 -39.20 -22.14
CA VAL A 104 13.66 -38.52 -22.17
C VAL A 104 13.76 -37.25 -21.34
N ILE A 105 13.62 -36.10 -21.99
CA ILE A 105 13.62 -34.81 -21.31
C ILE A 105 12.16 -34.39 -21.18
N HIS A 106 11.69 -34.14 -19.96
CA HIS A 106 10.32 -33.68 -19.74
C HIS A 106 10.31 -32.15 -19.73
N LEU A 107 9.40 -31.55 -20.51
CA LEU A 107 9.31 -30.11 -20.68
C LEU A 107 8.11 -29.55 -19.90
N ALA A 108 8.33 -28.54 -19.09
CA ALA A 108 7.28 -27.88 -18.35
C ALA A 108 7.41 -26.37 -18.49
N LEU A 109 6.32 -25.68 -18.19
CA LEU A 109 6.30 -24.22 -18.20
C LEU A 109 6.90 -23.69 -16.89
N LYS A 110 7.90 -22.82 -16.98
CA LYS A 110 8.45 -22.15 -15.81
C LYS A 110 7.48 -21.05 -15.34
N GLU A 111 7.19 -21.00 -14.05
CA GLU A 111 6.32 -19.98 -13.46
C GLU A 111 7.08 -19.33 -12.32
N ARG A 112 7.23 -18.01 -12.37
CA ARG A 112 8.03 -17.37 -11.33
C ARG A 112 7.23 -17.28 -10.04
N GLY A 113 7.95 -17.16 -8.92
CA GLY A 113 7.26 -16.87 -7.67
C GLY A 113 7.71 -15.54 -7.09
N GLY A 114 7.49 -15.35 -5.79
CA GLY A 114 7.99 -14.14 -5.13
C GLY A 114 6.97 -13.49 -4.21
N ARG A 115 7.48 -12.87 -3.14
CA ARG A 115 6.62 -12.12 -2.22
C ARG A 115 6.02 -10.94 -2.95
N LYS A 116 4.80 -10.58 -2.55
CA LYS A 116 4.14 -9.41 -3.09
C LYS A 116 4.97 -8.15 -2.82
N LYS A 117 5.26 -7.40 -3.89
CA LYS A 117 6.05 -6.17 -3.82
C LYS A 117 5.15 -4.93 -3.93
N PHE B 25 -28.38 54.46 25.24
CA PHE B 25 -27.63 53.71 26.25
C PHE B 25 -26.81 52.56 25.64
N GLN B 26 -27.45 51.38 25.50
CA GLN B 26 -26.90 50.18 24.82
C GLN B 26 -25.64 49.74 25.56
N GLY B 27 -24.60 49.27 24.86
CA GLY B 27 -23.32 49.03 25.51
C GLY B 27 -22.72 47.66 25.28
N PRO B 28 -21.56 47.42 25.89
CA PRO B 28 -20.98 46.08 25.82
C PRO B 28 -21.81 45.10 26.64
N VAL B 29 -21.78 43.85 26.23
CA VAL B 29 -22.57 42.80 26.88
C VAL B 29 -21.67 41.93 27.74
N SER B 30 -22.25 41.45 28.83
CA SER B 30 -21.54 40.58 29.78
C SER B 30 -21.83 39.14 29.38
N ILE B 31 -20.76 38.39 29.08
CA ILE B 31 -20.93 37.03 28.59
C ILE B 31 -20.24 36.07 29.54
N LYS B 32 -20.74 34.84 29.60
CA LYS B 32 -20.19 33.80 30.46
C LYS B 32 -19.61 32.70 29.57
N VAL B 33 -18.46 32.18 29.97
CA VAL B 33 -17.82 31.10 29.23
C VAL B 33 -17.74 29.93 30.21
N GLN B 34 -18.48 28.86 29.92
CA GLN B 34 -18.37 27.64 30.72
C GLN B 34 -17.11 26.91 30.25
N VAL B 35 -16.06 26.92 31.07
CA VAL B 35 -14.79 26.23 30.76
C VAL B 35 -14.98 24.76 31.13
N PRO B 36 -14.47 23.80 30.36
CA PRO B 36 -14.61 22.40 30.79
C PRO B 36 -13.69 22.11 31.97
N ASN B 37 -13.97 21.00 32.65
CA ASN B 37 -13.07 20.46 33.66
C ASN B 37 -12.25 19.35 32.99
N MET B 38 -10.98 19.64 32.68
CA MET B 38 -10.09 18.63 32.07
C MET B 38 -8.75 18.68 32.82
N GLN B 39 -8.69 18.02 33.97
CA GLN B 39 -7.51 18.09 34.82
C GLN B 39 -6.31 17.44 34.16
N ASP B 40 -6.55 16.55 33.19
CA ASP B 40 -5.45 15.89 32.51
C ASP B 40 -4.68 16.85 31.62
N LYS B 41 -5.29 17.96 31.22
CA LYS B 41 -4.63 19.02 30.47
C LYS B 41 -3.91 19.91 31.47
N THR B 42 -2.76 19.42 31.93
CA THR B 42 -2.02 20.06 33.01
C THR B 42 -1.33 21.35 32.61
N GLU B 43 -1.22 21.66 31.31
CA GLU B 43 -0.63 22.91 30.85
C GLU B 43 -1.67 24.02 30.71
N TRP B 44 -2.94 23.67 30.81
CA TRP B 44 -4.01 24.65 30.68
C TRP B 44 -4.79 24.74 31.99
N LYS B 45 -5.62 25.77 32.11
CA LYS B 45 -6.38 25.94 33.33
C LYS B 45 -7.84 25.64 33.02
N LEU B 46 -8.14 24.35 32.83
CA LEU B 46 -9.50 23.90 32.53
C LEU B 46 -10.10 23.26 33.78
N ASN B 47 -10.65 24.10 34.65
CA ASN B 47 -11.10 23.64 35.95
C ASN B 47 -12.62 23.66 36.09
N GLY B 48 -13.34 23.69 34.97
CA GLY B 48 -14.79 23.75 35.07
C GLY B 48 -15.32 25.07 35.56
N GLN B 49 -14.52 26.13 35.42
CA GLN B 49 -14.88 27.44 35.92
C GLN B 49 -15.72 28.20 34.89
N VAL B 50 -16.34 29.28 35.35
CA VAL B 50 -17.10 30.20 34.50
C VAL B 50 -16.32 31.50 34.40
N LEU B 51 -15.94 31.88 33.19
CA LEU B 51 -15.30 33.15 32.97
C LEU B 51 -16.39 34.18 32.69
N VAL B 52 -16.18 35.41 33.13
CA VAL B 52 -17.08 36.52 32.82
C VAL B 52 -16.27 37.57 32.11
N PHE B 53 -16.65 37.84 30.87
CA PHE B 53 -16.08 38.91 30.05
C PHE B 53 -17.19 39.88 29.67
N THR B 54 -16.84 41.15 29.60
CA THR B 54 -17.72 42.16 29.04
C THR B 54 -17.10 42.69 27.76
N LEU B 55 -17.81 42.56 26.65
CA LEU B 55 -17.30 42.91 25.34
C LEU B 55 -18.32 43.69 24.53
N PRO B 56 -17.84 44.57 23.65
CA PRO B 56 -18.75 45.24 22.70
C PRO B 56 -19.42 44.24 21.78
N LEU B 57 -20.68 44.52 21.43
CA LEU B 57 -21.40 43.64 20.53
C LEU B 57 -20.81 43.61 19.12
N THR B 58 -20.01 44.63 18.78
CA THR B 58 -19.32 44.70 17.51
C THR B 58 -18.04 43.86 17.46
N ASP B 59 -17.60 43.34 18.60
CA ASP B 59 -16.40 42.49 18.60
C ASP B 59 -16.66 41.21 17.82
N GLN B 60 -15.62 40.72 17.15
CA GLN B 60 -15.71 39.41 16.52
C GLN B 60 -15.61 38.29 17.55
N VAL B 61 -16.19 37.14 17.21
CA VAL B 61 -16.19 36.02 18.15
C VAL B 61 -14.75 35.64 18.49
N SER B 62 -13.81 35.89 17.58
CA SER B 62 -12.41 35.58 17.86
C SER B 62 -11.92 36.31 19.11
N VAL B 63 -12.51 37.46 19.46
CA VAL B 63 -12.07 38.10 20.69
C VAL B 63 -12.36 37.21 21.88
N ILE B 64 -13.44 36.43 21.82
CA ILE B 64 -13.73 35.51 22.92
C ILE B 64 -12.60 34.53 23.10
N LYS B 65 -12.10 34.00 21.98
CA LYS B 65 -10.99 33.06 22.05
C LYS B 65 -9.73 33.73 22.58
N VAL B 66 -9.49 35.00 22.27
CA VAL B 66 -8.35 35.69 22.87
C VAL B 66 -8.51 35.75 24.38
N LYS B 67 -9.68 36.18 24.86
CA LYS B 67 -9.91 36.24 26.30
C LYS B 67 -9.79 34.88 26.97
N ILE B 68 -10.29 33.83 26.32
CA ILE B 68 -10.20 32.48 26.88
C ILE B 68 -8.73 32.04 26.93
N HIS B 69 -7.98 32.33 25.88
CA HIS B 69 -6.56 31.99 25.86
C HIS B 69 -5.82 32.68 26.99
N GLU B 70 -6.09 33.98 27.19
CA GLU B 70 -5.44 34.71 28.26
C GLU B 70 -5.81 34.12 29.61
N ALA B 71 -7.04 33.62 29.74
CA ALA B 71 -7.52 33.15 31.04
C ALA B 71 -7.12 31.72 31.35
N THR B 72 -6.96 30.89 30.31
CA THR B 72 -6.77 29.46 30.50
C THR B 72 -5.48 28.91 29.91
N GLY B 73 -4.77 29.67 29.09
CA GLY B 73 -3.64 29.18 28.35
C GLY B 73 -4.00 28.42 27.09
N MET B 74 -5.28 28.14 26.85
CA MET B 74 -5.69 27.29 25.74
C MET B 74 -5.66 28.08 24.43
N PRO B 75 -4.82 27.74 23.47
CA PRO B 75 -4.76 28.55 22.25
C PRO B 75 -6.07 28.50 21.48
N ALA B 76 -6.28 29.55 20.69
CA ALA B 76 -7.53 29.72 19.97
C ALA B 76 -7.86 28.54 19.06
N GLY B 77 -6.84 27.98 18.37
CA GLY B 77 -7.11 26.87 17.50
C GLY B 77 -7.51 25.60 18.22
N LYS B 78 -7.31 25.54 19.53
CA LYS B 78 -7.76 24.37 20.26
C LYS B 78 -9.17 24.56 20.82
N GLN B 79 -9.73 25.75 20.74
CA GLN B 79 -11.02 26.00 21.35
C GLN B 79 -12.16 25.74 20.38
N LYS B 80 -13.23 25.09 20.85
CA LYS B 80 -14.46 25.01 20.07
C LYS B 80 -15.58 25.65 20.88
N LEU B 81 -16.21 26.68 20.29
CA LEU B 81 -17.22 27.47 20.98
C LEU B 81 -18.63 27.17 20.48
N GLN B 82 -19.56 27.08 21.42
CA GLN B 82 -20.94 26.81 21.10
C GLN B 82 -21.82 27.75 21.92
N TYR B 83 -22.81 28.31 21.28
CA TYR B 83 -23.72 29.25 21.94
C TYR B 83 -25.14 28.87 21.57
N GLU B 84 -25.93 28.46 22.56
CA GLU B 84 -27.31 28.01 22.35
C GLU B 84 -27.38 27.03 21.18
N GLY B 85 -26.46 26.06 21.18
CA GLY B 85 -26.41 25.03 20.16
C GLY B 85 -25.76 25.43 18.85
N ILE B 86 -25.39 26.68 18.70
CA ILE B 86 -24.82 27.18 17.45
C ILE B 86 -23.30 27.13 17.54
N PHE B 87 -22.67 26.55 16.54
CA PHE B 87 -21.22 26.58 16.48
C PHE B 87 -20.83 27.93 15.89
N ILE B 88 -20.56 28.89 16.76
CA ILE B 88 -20.36 30.28 16.32
C ILE B 88 -19.01 30.39 15.63
N LYS B 89 -18.93 31.31 14.64
CA LYS B 89 -17.71 31.47 13.85
C LYS B 89 -16.86 32.65 14.32
N ASP B 90 -15.53 32.46 14.31
CA ASP B 90 -14.64 33.49 14.83
C ASP B 90 -14.79 34.81 14.10
N SER B 91 -15.03 34.77 12.79
CA SER B 91 -15.04 35.95 11.94
C SER B 91 -16.32 36.76 12.02
N ASN B 92 -17.37 36.24 12.66
CA ASN B 92 -18.65 36.92 12.85
C ASN B 92 -18.67 37.70 14.16
N SER B 93 -19.56 38.68 14.24
CA SER B 93 -19.65 39.50 15.42
C SER B 93 -20.56 38.85 16.46
N LEU B 94 -20.44 39.32 17.71
CA LEU B 94 -21.41 38.91 18.72
C LEU B 94 -22.81 39.33 18.30
N ALA B 95 -22.94 40.51 17.68
CA ALA B 95 -24.24 41.01 17.26
C ALA B 95 -24.85 40.10 16.22
N TYR B 96 -24.02 39.49 15.35
CA TYR B 96 -24.53 38.56 14.37
C TYR B 96 -25.33 37.43 15.02
N TYR B 97 -24.94 37.01 16.22
CA TYR B 97 -25.62 35.93 16.92
C TYR B 97 -26.66 36.42 17.91
N ASN B 98 -26.92 37.75 17.96
CA ASN B 98 -27.94 38.31 18.85
C ASN B 98 -27.68 37.97 20.32
N MET B 99 -26.42 37.96 20.71
CA MET B 99 -26.09 37.73 22.11
C MET B 99 -26.53 38.93 22.94
N ALA B 100 -26.96 38.67 24.16
CA ALA B 100 -27.32 39.69 25.14
C ALA B 100 -26.50 39.48 26.40
N ASN B 101 -26.74 40.33 27.38
CA ASN B 101 -26.12 40.14 28.69
C ASN B 101 -26.45 38.75 29.20
N GLY B 102 -25.46 38.07 29.73
CA GLY B 102 -25.64 36.73 30.26
C GLY B 102 -25.55 35.62 29.24
N ALA B 103 -25.20 35.93 27.99
CA ALA B 103 -25.02 34.88 27.00
C ALA B 103 -23.96 33.89 27.46
N VAL B 104 -24.27 32.60 27.38
CA VAL B 104 -23.37 31.56 27.88
C VAL B 104 -22.70 30.90 26.67
N ILE B 105 -21.37 30.99 26.62
CA ILE B 105 -20.57 30.32 25.60
C ILE B 105 -20.02 29.04 26.21
N HIS B 106 -20.27 27.90 25.57
CA HIS B 106 -19.74 26.64 26.04
C HIS B 106 -18.43 26.39 25.33
N LEU B 107 -17.38 26.14 26.09
CA LEU B 107 -16.06 25.90 25.52
C LEU B 107 -15.75 24.40 25.55
N ALA B 108 -15.28 23.88 24.43
CA ALA B 108 -14.85 22.49 24.35
C ALA B 108 -13.49 22.43 23.70
N LEU B 109 -12.78 21.32 23.98
CA LEU B 109 -11.52 21.06 23.31
C LEU B 109 -11.88 20.60 21.90
N LYS B 110 -11.30 21.27 20.90
CA LYS B 110 -11.58 20.93 19.51
C LYS B 110 -10.93 19.57 19.20
N GLU B 111 -11.66 18.71 18.51
CA GLU B 111 -11.19 17.35 18.25
C GLU B 111 -10.98 17.17 16.76
N ARG B 112 -9.80 16.66 16.40
CA ARG B 112 -9.45 16.40 15.01
C ARG B 112 -9.96 15.02 14.60
N GLY B 113 -10.85 14.99 13.60
CA GLY B 113 -11.42 13.75 13.12
C GLY B 113 -12.47 13.14 14.04
#